data_1EU8
#
_entry.id   1EU8
#
_cell.length_a   59.243
_cell.length_b   81.526
_cell.length_c   86.455
_cell.angle_alpha   90.00
_cell.angle_beta   90.00
_cell.angle_gamma   90.00
#
_symmetry.space_group_name_H-M   'P 21 21 21'
#
loop_
_entity.id
_entity.type
_entity.pdbx_description
1 polymer 'TREHALOSE/MALTOSE BINDING PROTEIN'
2 branched alpha-D-glucopyranose-(1-1)-alpha-D-glucopyranose
3 non-polymer 'PLATINUM (II) ION'
4 non-polymer 'CHLORIDE ION'
5 water water
#
_entity_poly.entity_id   1
_entity_poly.type   'polypeptide(L)'
_entity_poly.pdbx_seq_one_letter_code
;IEEGKIVFAVGGAPNEIEYWKGVIAEFEKKYPGVTVELKRQATDTEQRRLDLVNALRGKSSDPDVFLMDVAWLGQFIASG
WLEPLDDYVQKDNYDLSVFFQSVINLADKQGGKLYALPVYIDAGLLYYRKDLLEKYGYSKPPETWQELVEMAQKIQSGER
ETNPNFWGFVWQGKQYEGLVCDFVEYVYSNGGSLGEFKDGKWVPTLNKPENVEALQFMVDLIHKYKISPPNTYTEMTEEP
VRLMFQQGNAAFERNWPYAWGLHNADDSPVKGKVGVAPLPHFPGHKSAATLGGWHIGISKYSDNKALAWEFVKFVESYSV
QKGFAMNLGWNPGRVDVYDDPAVVSKSPHLKELRAVFENAVPRPIVPYYPQLSEIIQKYVNSALAGKISPQEALDKAQKE
AEELVKQYS
;
_entity_poly.pdbx_strand_id   A
#
# COMPACT_ATOMS: atom_id res chain seq x y z
N ILE A 1 5.10 -23.26 26.26
CA ILE A 1 5.18 -22.22 25.19
C ILE A 1 6.58 -21.60 25.13
N GLU A 2 7.57 -22.41 24.78
CA GLU A 2 8.95 -21.93 24.70
C GLU A 2 9.83 -22.84 23.85
N GLU A 3 9.23 -23.79 23.14
CA GLU A 3 9.99 -24.72 22.28
C GLU A 3 9.75 -24.60 20.82
N GLY A 4 8.59 -25.10 20.41
CA GLY A 4 8.20 -25.07 19.03
C GLY A 4 6.92 -24.30 18.87
N LYS A 5 6.94 -23.05 19.30
CA LYS A 5 5.78 -22.18 19.20
C LYS A 5 6.33 -20.89 18.66
N ILE A 6 5.48 -20.13 18.00
CA ILE A 6 5.87 -18.84 17.47
C ILE A 6 4.58 -18.05 17.36
N VAL A 7 4.62 -16.79 17.74
CA VAL A 7 3.46 -15.95 17.61
C VAL A 7 3.76 -15.07 16.39
N PHE A 8 2.83 -15.06 15.44
CA PHE A 8 2.94 -14.29 14.21
C PHE A 8 1.97 -13.15 14.36
N ALA A 9 2.50 -11.93 14.36
CA ALA A 9 1.67 -10.73 14.49
C ALA A 9 1.40 -10.21 13.10
N VAL A 10 0.14 -10.10 12.74
CA VAL A 10 -0.22 -9.60 11.42
C VAL A 10 -1.60 -8.95 11.42
N GLY A 11 -1.80 -7.99 10.53
CA GLY A 11 -3.08 -7.30 10.44
C GLY A 11 -3.52 -7.21 9.00
N GLY A 12 -4.28 -6.17 8.67
CA GLY A 12 -4.75 -5.98 7.31
C GLY A 12 -6.26 -5.88 7.25
N ALA A 13 -6.81 -5.90 6.05
CA ALA A 13 -8.25 -5.85 5.88
C ALA A 13 -8.80 -7.15 6.45
N PRO A 14 -10.05 -7.13 6.96
CA PRO A 14 -10.68 -8.33 7.54
C PRO A 14 -10.49 -9.62 6.72
N ASN A 15 -10.73 -9.54 5.41
CA ASN A 15 -10.59 -10.73 4.58
C ASN A 15 -9.15 -11.25 4.53
N GLU A 16 -8.17 -10.35 4.61
CA GLU A 16 -6.77 -10.77 4.57
C GLU A 16 -6.43 -11.52 5.86
N ILE A 17 -6.93 -11.03 6.98
CA ILE A 17 -6.67 -11.66 8.26
C ILE A 17 -7.25 -13.09 8.27
N GLU A 18 -8.44 -13.25 7.70
CA GLU A 18 -9.06 -14.56 7.63
C GLU A 18 -8.20 -15.47 6.77
N TYR A 19 -7.67 -14.91 5.68
CA TYR A 19 -6.82 -15.67 4.76
C TYR A 19 -5.56 -16.15 5.49
N TRP A 20 -4.98 -15.27 6.32
CA TRP A 20 -3.79 -15.62 7.08
C TRP A 20 -4.04 -16.81 7.99
N LYS A 21 -5.25 -16.92 8.53
CA LYS A 21 -5.59 -18.05 9.39
C LYS A 21 -5.41 -19.33 8.59
N GLY A 22 -5.89 -19.30 7.35
CA GLY A 22 -5.78 -20.46 6.49
C GLY A 22 -4.33 -20.78 6.20
N VAL A 23 -3.50 -19.74 6.04
CA VAL A 23 -2.08 -19.91 5.76
C VAL A 23 -1.40 -20.61 6.93
N ILE A 24 -1.74 -20.17 8.14
CA ILE A 24 -1.20 -20.75 9.36
C ILE A 24 -1.59 -22.23 9.48
N ALA A 25 -2.84 -22.55 9.14
CA ALA A 25 -3.33 -23.91 9.17
C ALA A 25 -2.51 -24.78 8.22
N GLU A 26 -2.29 -24.29 6.99
CA GLU A 26 -1.50 -25.02 6.00
C GLU A 26 -0.07 -25.22 6.49
N PHE A 27 0.47 -24.22 7.17
CA PHE A 27 1.83 -24.33 7.69
C PHE A 27 1.95 -25.43 8.74
N GLU A 28 1.01 -25.47 9.67
CA GLU A 28 1.05 -26.48 10.73
C GLU A 28 0.76 -27.87 10.19
N LYS A 29 0.04 -27.93 9.07
CA LYS A 29 -0.26 -29.21 8.45
C LYS A 29 1.02 -29.76 7.81
N LYS A 30 1.81 -28.88 7.21
CA LYS A 30 3.06 -29.31 6.59
C LYS A 30 4.16 -29.57 7.61
N TYR A 31 4.10 -28.87 8.74
CA TYR A 31 5.07 -29.03 9.83
C TYR A 31 4.34 -29.44 11.10
N PRO A 32 4.01 -30.73 11.23
CA PRO A 32 3.29 -31.40 12.32
C PRO A 32 3.62 -31.08 13.80
N GLY A 33 4.90 -30.94 14.13
CA GLY A 33 5.24 -30.68 15.52
C GLY A 33 5.52 -29.23 15.88
N VAL A 34 4.85 -28.30 15.19
CA VAL A 34 5.04 -26.87 15.42
C VAL A 34 3.72 -26.15 15.61
N THR A 35 3.76 -25.05 16.36
CA THR A 35 2.57 -24.25 16.62
C THR A 35 2.81 -22.78 16.25
N VAL A 36 1.87 -22.19 15.53
CA VAL A 36 1.98 -20.78 15.17
C VAL A 36 0.73 -20.10 15.68
N GLU A 37 0.92 -19.18 16.63
CA GLU A 37 -0.19 -18.46 17.22
C GLU A 37 -0.38 -17.12 16.51
N LEU A 38 -1.62 -16.86 16.08
CA LEU A 38 -1.91 -15.62 15.39
C LEU A 38 -2.16 -14.49 16.39
N LYS A 39 -1.49 -13.37 16.18
CA LYS A 39 -1.66 -12.19 17.02
C LYS A 39 -2.27 -11.18 16.05
N ARG A 40 -3.60 -11.07 16.10
CA ARG A 40 -4.32 -10.20 15.19
C ARG A 40 -4.08 -8.70 15.44
N GLN A 41 -3.90 -7.95 14.35
CA GLN A 41 -3.70 -6.51 14.41
C GLN A 41 -4.78 -5.83 13.56
N ALA A 42 -4.82 -4.49 13.61
CA ALA A 42 -5.81 -3.73 12.88
C ALA A 42 -5.44 -3.56 11.42
N THR A 43 -6.22 -2.75 10.72
CA THR A 43 -5.97 -2.49 9.30
C THR A 43 -5.05 -1.27 9.17
N ASP A 44 -5.35 -0.24 9.97
CA ASP A 44 -4.58 1.00 9.97
C ASP A 44 -3.10 0.71 10.16
N THR A 45 -2.27 1.17 9.23
CA THR A 45 -0.85 0.88 9.32
C THR A 45 -0.15 1.46 10.56
N GLU A 46 -0.59 2.62 11.02
CA GLU A 46 0.01 3.21 12.21
C GLU A 46 -0.29 2.36 13.45
N GLN A 47 -1.51 1.82 13.53
CA GLN A 47 -1.88 0.98 14.65
C GLN A 47 -1.08 -0.31 14.64
N ARG A 48 -0.79 -0.81 13.44
CA ARG A 48 0.00 -2.02 13.32
C ARG A 48 1.43 -1.70 13.76
N ARG A 49 1.92 -0.53 13.37
CA ARG A 49 3.27 -0.14 13.74
C ARG A 49 3.41 -0.03 15.26
N LEU A 50 2.45 0.66 15.88
CA LEU A 50 2.43 0.85 17.34
C LEU A 50 2.37 -0.47 18.08
N ASP A 51 1.51 -1.38 17.64
CA ASP A 51 1.37 -2.68 18.27
C ASP A 51 2.75 -3.36 18.33
N LEU A 52 3.51 -3.27 17.25
CA LEU A 52 4.83 -3.89 17.17
C LEU A 52 5.94 -3.20 17.96
N VAL A 53 6.08 -1.89 17.81
CA VAL A 53 7.13 -1.17 18.55
C VAL A 53 6.93 -1.30 20.06
N ASN A 54 5.68 -1.34 20.49
CA ASN A 54 5.41 -1.46 21.92
C ASN A 54 5.92 -2.79 22.48
N ALA A 55 5.79 -3.84 21.69
CA ALA A 55 6.26 -5.15 22.13
C ALA A 55 7.78 -5.18 22.04
N LEU A 56 8.31 -4.75 20.89
CA LEU A 56 9.74 -4.74 20.64
C LEU A 56 10.58 -3.85 21.57
N ARG A 57 10.14 -2.62 21.82
CA ARG A 57 10.88 -1.71 22.70
C ARG A 57 10.95 -2.27 24.12
N GLY A 58 10.04 -3.20 24.44
CA GLY A 58 10.03 -3.82 25.75
C GLY A 58 10.74 -5.16 25.70
N LYS A 59 11.58 -5.33 24.67
CA LYS A 59 12.36 -6.55 24.45
C LYS A 59 11.58 -7.85 24.69
N SER A 60 10.28 -7.79 24.41
CA SER A 60 9.40 -8.94 24.57
C SER A 60 9.65 -9.93 23.44
N SER A 61 9.67 -11.22 23.78
CA SER A 61 9.88 -12.27 22.80
C SER A 61 8.56 -12.65 22.15
N ASP A 62 7.46 -12.15 22.71
CA ASP A 62 6.14 -12.46 22.21
C ASP A 62 6.05 -12.48 20.69
N PRO A 63 5.92 -11.30 20.04
CA PRO A 63 5.85 -11.44 18.58
C PRO A 63 7.18 -11.99 18.04
N ASP A 64 7.19 -13.22 17.56
CA ASP A 64 8.41 -13.82 17.02
C ASP A 64 8.64 -13.41 15.58
N VAL A 65 7.56 -13.38 14.81
CA VAL A 65 7.62 -13.02 13.41
C VAL A 65 6.44 -12.08 13.16
N PHE A 66 6.58 -11.19 12.18
CA PHE A 66 5.51 -10.22 11.92
C PHE A 66 5.71 -9.48 10.59
N LEU A 67 4.68 -8.78 10.15
CA LEU A 67 4.78 -8.03 8.90
C LEU A 67 4.99 -6.55 9.23
N MET A 68 5.80 -5.89 8.40
CA MET A 68 6.11 -4.47 8.56
C MET A 68 5.81 -3.74 7.26
N ASP A 69 5.23 -2.56 7.39
CA ASP A 69 4.91 -1.75 6.24
C ASP A 69 6.23 -1.32 5.62
N VAL A 70 6.32 -1.40 4.30
CA VAL A 70 7.55 -0.98 3.61
C VAL A 70 7.84 0.48 4.01
N ALA A 71 6.79 1.23 4.34
CA ALA A 71 6.93 2.64 4.72
C ALA A 71 7.74 2.87 6.01
N TRP A 72 7.61 1.99 6.99
CA TRP A 72 8.37 2.16 8.22
C TRP A 72 9.34 1.05 8.56
N LEU A 73 9.60 0.16 7.61
CA LEU A 73 10.53 -0.94 7.82
C LEU A 73 11.93 -0.39 8.19
N GLY A 74 12.30 0.75 7.59
CA GLY A 74 13.58 1.37 7.86
C GLY A 74 13.76 1.73 9.33
N GLN A 75 12.66 2.12 9.96
CA GLN A 75 12.68 2.47 11.38
C GLN A 75 13.06 1.24 12.22
N PHE A 76 12.47 0.09 11.91
CA PHE A 76 12.75 -1.14 12.64
C PHE A 76 14.19 -1.63 12.42
N ILE A 77 14.71 -1.41 11.23
CA ILE A 77 16.08 -1.82 10.92
C ILE A 77 17.03 -0.93 11.70
N ALA A 78 16.79 0.37 11.66
CA ALA A 78 17.62 1.34 12.37
C ALA A 78 17.61 1.12 13.89
N SER A 79 16.44 0.82 14.44
CA SER A 79 16.28 0.58 15.87
C SER A 79 16.93 -0.73 16.30
N GLY A 80 17.24 -1.57 15.32
CA GLY A 80 17.88 -2.84 15.61
C GLY A 80 16.99 -3.91 16.23
N TRP A 81 15.69 -3.88 15.91
CA TRP A 81 14.78 -4.87 16.47
C TRP A 81 14.67 -6.14 15.63
N LEU A 82 15.23 -6.12 14.43
CA LEU A 82 15.14 -7.28 13.55
C LEU A 82 16.37 -8.18 13.52
N GLU A 83 16.12 -9.48 13.46
CA GLU A 83 17.17 -10.49 13.38
C GLU A 83 17.65 -10.55 11.92
N PRO A 84 18.97 -10.42 11.68
CA PRO A 84 19.50 -10.49 10.32
C PRO A 84 19.18 -11.87 9.76
N LEU A 85 18.74 -11.93 8.50
CA LEU A 85 18.37 -13.20 7.87
C LEU A 85 19.50 -13.95 7.20
N ASP A 86 20.61 -13.25 6.98
CA ASP A 86 21.79 -13.80 6.32
C ASP A 86 22.21 -15.21 6.76
N ASP A 87 22.26 -15.43 8.07
CA ASP A 87 22.68 -16.72 8.60
C ASP A 87 21.73 -17.83 8.19
N TYR A 88 20.43 -17.55 8.24
CA TYR A 88 19.40 -18.52 7.90
C TYR A 88 19.38 -18.82 6.41
N VAL A 89 19.63 -17.80 5.59
CA VAL A 89 19.67 -17.99 4.15
C VAL A 89 20.86 -18.88 3.86
N GLN A 90 22.00 -18.52 4.43
CA GLN A 90 23.23 -19.27 4.25
C GLN A 90 23.07 -20.76 4.59
N LYS A 91 22.56 -21.05 5.79
CA LYS A 91 22.41 -22.44 6.23
C LYS A 91 21.51 -23.31 5.35
N ASP A 92 20.42 -22.75 4.85
CA ASP A 92 19.50 -23.51 4.00
C ASP A 92 19.81 -23.38 2.52
N ASN A 93 20.86 -22.63 2.19
CA ASN A 93 21.22 -22.43 0.80
C ASN A 93 20.00 -21.85 0.08
N TYR A 94 19.28 -21.01 0.81
CA TYR A 94 18.07 -20.36 0.30
C TYR A 94 18.38 -19.45 -0.89
N ASP A 95 17.54 -19.52 -1.93
CA ASP A 95 17.72 -18.72 -3.14
C ASP A 95 16.96 -17.41 -3.09
N LEU A 96 17.69 -16.31 -2.98
CA LEU A 96 17.09 -14.99 -2.90
C LEU A 96 16.80 -14.32 -4.23
N SER A 97 17.30 -14.90 -5.32
CA SER A 97 17.06 -14.30 -6.64
C SER A 97 15.61 -14.44 -7.10
N VAL A 98 14.81 -15.18 -6.34
CA VAL A 98 13.40 -15.40 -6.68
C VAL A 98 12.52 -14.22 -6.23
N PHE A 99 13.13 -13.20 -5.64
CA PHE A 99 12.37 -12.03 -5.18
C PHE A 99 12.75 -10.82 -6.01
N PHE A 100 11.87 -9.83 -6.06
CA PHE A 100 12.16 -8.62 -6.80
C PHE A 100 13.26 -7.86 -6.08
N GLN A 101 14.45 -7.86 -6.67
CA GLN A 101 15.62 -7.22 -6.08
C GLN A 101 15.48 -5.71 -5.84
N SER A 102 14.71 -5.03 -6.68
CA SER A 102 14.52 -3.59 -6.51
C SER A 102 13.97 -3.22 -5.13
N VAL A 103 12.92 -3.90 -4.69
CA VAL A 103 12.34 -3.61 -3.38
C VAL A 103 13.30 -4.01 -2.26
N ILE A 104 13.99 -5.12 -2.45
CA ILE A 104 14.95 -5.61 -1.47
C ILE A 104 16.09 -4.61 -1.32
N ASN A 105 16.63 -4.20 -2.46
CA ASN A 105 17.73 -3.23 -2.48
C ASN A 105 17.34 -1.93 -1.83
N LEU A 106 16.08 -1.54 -2.04
CA LEU A 106 15.54 -0.30 -1.54
C LEU A 106 15.14 -0.29 -0.06
N ALA A 107 14.51 -1.36 0.42
CA ALA A 107 14.04 -1.37 1.80
C ALA A 107 14.45 -2.52 2.74
N ASP A 108 14.82 -3.67 2.19
CA ASP A 108 15.15 -4.81 3.05
C ASP A 108 16.60 -4.98 3.50
N LYS A 109 17.53 -4.26 2.90
CA LYS A 109 18.94 -4.40 3.26
C LYS A 109 19.56 -3.18 3.93
N GLN A 110 20.59 -3.41 4.74
CA GLN A 110 21.32 -2.35 5.41
C GLN A 110 22.67 -2.89 5.87
N GLY A 111 23.74 -2.18 5.53
CA GLY A 111 25.06 -2.61 5.93
C GLY A 111 25.41 -3.97 5.37
N GLY A 112 24.90 -4.27 4.18
CA GLY A 112 25.19 -5.55 3.57
C GLY A 112 24.38 -6.72 4.11
N LYS A 113 23.52 -6.46 5.09
CA LYS A 113 22.69 -7.51 5.65
C LYS A 113 21.23 -7.39 5.26
N LEU A 114 20.55 -8.53 5.21
CA LEU A 114 19.14 -8.61 4.86
C LEU A 114 18.33 -8.71 6.15
N TYR A 115 17.29 -7.90 6.30
CA TYR A 115 16.50 -7.92 7.53
C TYR A 115 15.03 -8.31 7.36
N ALA A 116 14.59 -8.45 6.12
CA ALA A 116 13.19 -8.82 5.86
C ALA A 116 13.02 -9.20 4.41
N LEU A 117 11.88 -9.80 4.09
CA LEU A 117 11.57 -10.20 2.71
C LEU A 117 10.19 -9.66 2.35
N PRO A 118 10.01 -9.30 1.07
CA PRO A 118 8.72 -8.76 0.63
C PRO A 118 7.63 -9.82 0.48
N VAL A 119 6.53 -9.68 1.23
CA VAL A 119 5.42 -10.62 1.11
C VAL A 119 4.64 -10.20 -0.12
N TYR A 120 4.35 -8.91 -0.21
CA TYR A 120 3.70 -8.37 -1.39
C TYR A 120 4.14 -6.92 -1.64
N ILE A 121 4.11 -6.53 -2.90
CA ILE A 121 4.52 -5.21 -3.32
C ILE A 121 3.29 -4.47 -3.83
N ASP A 122 2.81 -3.50 -3.04
CA ASP A 122 1.63 -2.72 -3.40
C ASP A 122 2.02 -1.51 -4.26
N ALA A 123 1.08 -1.10 -5.11
CA ALA A 123 1.27 0.06 -5.96
C ALA A 123 -0.14 0.62 -6.15
N GLY A 124 -0.27 1.94 -6.20
CA GLY A 124 -1.58 2.54 -6.39
C GLY A 124 -2.15 2.16 -7.74
N LEU A 125 -3.46 1.86 -7.77
CA LEU A 125 -4.14 1.46 -8.99
C LEU A 125 -5.46 2.18 -9.19
N LEU A 126 -5.88 2.28 -10.45
CA LEU A 126 -7.15 2.90 -10.78
C LEU A 126 -8.13 1.77 -11.06
N TYR A 127 -9.19 1.69 -10.26
CA TYR A 127 -10.23 0.70 -10.48
C TYR A 127 -11.37 1.49 -11.11
N TYR A 128 -12.04 0.90 -12.11
CA TYR A 128 -13.14 1.61 -12.74
C TYR A 128 -14.26 0.66 -13.12
N ARG A 129 -15.47 1.21 -13.22
CA ARG A 129 -16.62 0.42 -13.59
C ARG A 129 -16.66 0.34 -15.13
N LYS A 130 -16.13 -0.74 -15.67
CA LYS A 130 -16.08 -0.95 -17.12
C LYS A 130 -17.47 -0.80 -17.74
N ASP A 131 -18.47 -1.35 -17.05
CA ASP A 131 -19.85 -1.29 -17.52
C ASP A 131 -20.36 0.15 -17.61
N LEU A 132 -20.04 0.97 -16.63
CA LEU A 132 -20.48 2.36 -16.64
C LEU A 132 -19.78 3.19 -17.72
N LEU A 133 -18.49 2.97 -17.92
CA LEU A 133 -17.76 3.72 -18.95
C LEU A 133 -18.36 3.35 -20.31
N GLU A 134 -18.62 2.06 -20.50
CA GLU A 134 -19.22 1.55 -21.74
C GLU A 134 -20.60 2.17 -21.92
N LYS A 135 -21.38 2.17 -20.84
CA LYS A 135 -22.72 2.74 -20.88
C LYS A 135 -22.70 4.21 -21.30
N TYR A 136 -21.74 4.97 -20.81
CA TYR A 136 -21.67 6.39 -21.16
C TYR A 136 -20.78 6.76 -22.34
N GLY A 137 -20.54 5.77 -23.23
CA GLY A 137 -19.75 6.00 -24.42
C GLY A 137 -18.25 6.14 -24.36
N TYR A 138 -17.63 5.58 -23.32
CA TYR A 138 -16.18 5.64 -23.17
C TYR A 138 -15.63 4.24 -23.40
N SER A 139 -14.72 4.11 -24.36
CA SER A 139 -14.16 2.82 -24.69
C SER A 139 -12.91 2.44 -23.88
N LYS A 140 -12.20 3.43 -23.36
CA LYS A 140 -11.00 3.15 -22.58
C LYS A 140 -10.92 3.96 -21.29
N PRO A 141 -10.15 3.46 -20.30
CA PRO A 141 -10.04 4.20 -19.04
C PRO A 141 -9.30 5.51 -19.33
N PRO A 142 -9.38 6.50 -18.42
CA PRO A 142 -8.72 7.79 -18.61
C PRO A 142 -7.20 7.75 -18.51
N GLU A 143 -6.53 8.51 -19.38
CA GLU A 143 -5.08 8.58 -19.36
C GLU A 143 -4.62 9.76 -18.54
N THR A 144 -5.37 10.86 -18.59
CA THR A 144 -5.01 12.06 -17.82
C THR A 144 -6.05 12.30 -16.75
N TRP A 145 -5.67 13.02 -15.70
CA TRP A 145 -6.59 13.32 -14.61
C TRP A 145 -7.78 14.12 -15.11
N GLN A 146 -7.56 14.99 -16.09
CA GLN A 146 -8.63 15.80 -16.63
C GLN A 146 -9.65 14.94 -17.34
N GLU A 147 -9.18 13.89 -18.01
CA GLU A 147 -10.08 12.98 -18.69
C GLU A 147 -10.88 12.18 -17.67
N LEU A 148 -10.26 11.84 -16.55
CA LEU A 148 -10.97 11.08 -15.52
C LEU A 148 -12.11 11.93 -14.98
N VAL A 149 -11.83 13.21 -14.74
CA VAL A 149 -12.85 14.12 -14.24
C VAL A 149 -14.00 14.19 -15.23
N GLU A 150 -13.70 14.34 -16.52
CA GLU A 150 -14.74 14.41 -17.54
C GLU A 150 -15.65 13.18 -17.52
N MET A 151 -15.05 12.00 -17.56
CA MET A 151 -15.82 10.76 -17.54
C MET A 151 -16.61 10.65 -16.24
N ALA A 152 -15.92 10.89 -15.13
CA ALA A 152 -16.51 10.80 -13.80
C ALA A 152 -17.76 11.65 -13.64
N GLN A 153 -17.76 12.86 -14.19
CA GLN A 153 -18.92 13.73 -14.09
C GLN A 153 -20.09 13.29 -14.94
N LYS A 154 -19.80 12.86 -16.17
CA LYS A 154 -20.87 12.42 -17.04
C LYS A 154 -21.54 11.18 -16.46
N ILE A 155 -20.74 10.25 -15.96
CA ILE A 155 -21.27 9.03 -15.35
C ILE A 155 -22.01 9.33 -14.06
N GLN A 156 -21.48 10.26 -13.27
CA GLN A 156 -22.09 10.65 -12.00
C GLN A 156 -23.46 11.27 -12.23
N SER A 157 -23.54 12.25 -13.11
CA SER A 157 -24.81 12.91 -13.41
C SER A 157 -25.85 11.90 -13.85
N GLY A 158 -25.43 10.95 -14.68
CA GLY A 158 -26.36 9.96 -15.17
C GLY A 158 -26.84 8.97 -14.11
N GLU A 159 -25.91 8.53 -13.28
CA GLU A 159 -26.24 7.57 -12.24
C GLU A 159 -27.03 8.16 -11.09
N ARG A 160 -26.85 9.45 -10.84
CA ARG A 160 -27.57 10.11 -9.76
C ARG A 160 -29.06 10.26 -10.05
N GLU A 161 -29.46 10.07 -11.29
CA GLU A 161 -30.87 10.19 -11.64
C GLU A 161 -31.61 9.13 -10.84
N THR A 162 -30.93 8.02 -10.61
CA THR A 162 -31.53 6.98 -9.86
C THR A 162 -30.73 6.67 -8.62
N ASN A 163 -29.51 7.25 -8.51
CA ASN A 163 -28.59 6.99 -7.38
C ASN A 163 -28.02 8.24 -6.74
N PRO A 164 -28.65 8.79 -5.70
CA PRO A 164 -28.09 10.00 -5.09
C PRO A 164 -26.79 9.81 -4.30
N ASN A 165 -26.43 8.57 -4.00
CA ASN A 165 -25.21 8.31 -3.24
C ASN A 165 -24.01 8.03 -4.12
N PHE A 166 -24.20 8.09 -5.43
CA PHE A 166 -23.13 7.81 -6.39
C PHE A 166 -22.14 8.95 -6.51
N TRP A 167 -20.85 8.59 -6.51
CA TRP A 167 -19.77 9.55 -6.66
C TRP A 167 -18.84 9.08 -7.77
N GLY A 168 -18.41 10.00 -8.61
CA GLY A 168 -17.54 9.62 -9.70
C GLY A 168 -16.17 9.07 -9.34
N PHE A 169 -15.61 9.51 -8.22
CA PHE A 169 -14.26 9.10 -7.83
C PHE A 169 -14.01 9.09 -6.32
N VAL A 170 -13.74 7.90 -5.78
CA VAL A 170 -13.45 7.76 -4.35
C VAL A 170 -11.98 7.40 -4.11
N TRP A 171 -11.38 8.02 -3.09
CA TRP A 171 -9.98 7.78 -2.73
C TRP A 171 -9.71 8.12 -1.25
N GLN A 172 -8.52 7.78 -0.77
CA GLN A 172 -8.16 7.99 0.63
C GLN A 172 -7.66 9.40 0.94
N GLY A 173 -8.45 10.15 1.71
CA GLY A 173 -8.08 11.51 2.07
C GLY A 173 -8.07 11.81 3.56
N LYS A 174 -8.45 10.83 4.38
CA LYS A 174 -8.45 11.02 5.83
C LYS A 174 -7.03 11.39 6.28
N GLN A 175 -6.91 12.01 7.45
CA GLN A 175 -5.59 12.40 7.92
C GLN A 175 -4.86 11.21 8.54
N TYR A 176 -4.23 10.41 7.68
CA TYR A 176 -3.48 9.22 8.11
C TYR A 176 -2.49 8.88 7.00
N GLU A 177 -1.73 7.81 7.18
CA GLU A 177 -0.72 7.42 6.20
C GLU A 177 -1.24 7.26 4.78
N GLY A 178 -2.42 6.68 4.63
CA GLY A 178 -2.97 6.50 3.30
C GLY A 178 -3.06 7.76 2.45
N LEU A 179 -3.26 8.90 3.09
CA LEU A 179 -3.37 10.18 2.38
C LEU A 179 -2.02 10.55 1.75
N VAL A 180 -0.94 10.22 2.43
CA VAL A 180 0.39 10.51 1.92
C VAL A 180 0.62 9.71 0.63
N CYS A 181 0.10 8.48 0.59
CA CYS A 181 0.26 7.65 -0.60
C CYS A 181 -0.51 8.24 -1.79
N ASP A 182 -1.75 8.66 -1.55
CA ASP A 182 -2.55 9.27 -2.61
C ASP A 182 -1.86 10.54 -3.10
N PHE A 183 -1.43 11.35 -2.14
CA PHE A 183 -0.75 12.62 -2.42
C PHE A 183 0.46 12.39 -3.32
N VAL A 184 1.31 11.43 -2.95
CA VAL A 184 2.50 11.12 -3.74
C VAL A 184 2.18 10.88 -5.21
N GLU A 185 1.07 10.21 -5.49
CA GLU A 185 0.73 9.91 -6.87
C GLU A 185 0.37 11.15 -7.68
N TYR A 186 -0.36 12.09 -7.07
CA TYR A 186 -0.70 13.31 -7.77
C TYR A 186 0.54 14.18 -7.99
N VAL A 187 1.41 14.22 -6.99
CA VAL A 187 2.66 15.00 -7.04
C VAL A 187 3.59 14.54 -8.18
N TYR A 188 3.97 13.27 -8.14
CA TYR A 188 4.86 12.74 -9.17
C TYR A 188 4.21 12.66 -10.54
N SER A 189 2.90 12.48 -10.62
CA SER A 189 2.26 12.42 -11.93
C SER A 189 2.12 13.82 -12.55
N ASN A 190 2.63 14.83 -11.84
CA ASN A 190 2.61 16.20 -12.32
C ASN A 190 4.07 16.69 -12.42
N GLY A 191 5.00 15.74 -12.35
CA GLY A 191 6.40 16.09 -12.43
C GLY A 191 6.94 16.66 -11.14
N GLY A 192 6.19 16.52 -10.05
CA GLY A 192 6.64 17.03 -8.76
C GLY A 192 7.55 16.06 -8.02
N SER A 193 7.92 16.41 -6.80
CA SER A 193 8.80 15.58 -5.98
C SER A 193 8.75 16.03 -4.53
N LEU A 194 8.82 15.07 -3.60
CA LEU A 194 8.79 15.41 -2.18
C LEU A 194 10.15 15.82 -1.66
N GLY A 195 11.20 15.47 -2.41
CA GLY A 195 12.55 15.82 -2.01
C GLY A 195 13.55 14.90 -2.67
N GLU A 196 14.84 15.10 -2.39
CA GLU A 196 15.87 14.25 -2.96
C GLU A 196 17.01 14.14 -1.96
N PHE A 197 17.97 13.26 -2.26
CA PHE A 197 19.10 13.07 -1.37
C PHE A 197 20.31 13.91 -1.75
N LYS A 198 20.95 14.50 -0.74
CA LYS A 198 22.13 15.34 -0.91
C LYS A 198 23.16 14.91 0.15
N ASP A 199 24.38 14.61 -0.29
CA ASP A 199 25.43 14.17 0.63
C ASP A 199 25.01 12.98 1.49
N GLY A 200 24.13 12.14 0.95
CA GLY A 200 23.68 10.97 1.67
C GLY A 200 22.49 11.20 2.58
N LYS A 201 22.03 12.45 2.68
CA LYS A 201 20.88 12.78 3.52
C LYS A 201 19.70 13.32 2.70
N TRP A 202 18.49 12.88 3.05
CA TRP A 202 17.29 13.32 2.35
C TRP A 202 17.04 14.80 2.66
N VAL A 203 16.68 15.56 1.63
CA VAL A 203 16.40 16.99 1.74
C VAL A 203 14.98 17.21 1.22
N PRO A 204 14.12 17.88 2.01
CA PRO A 204 12.73 18.12 1.59
C PRO A 204 12.51 19.21 0.55
N THR A 205 11.57 18.96 -0.36
CA THR A 205 11.19 19.92 -1.40
C THR A 205 9.67 19.82 -1.53
N LEU A 206 9.01 19.74 -0.38
CA LEU A 206 7.57 19.60 -0.27
C LEU A 206 6.74 20.68 -0.97
N ASN A 207 7.23 21.92 -0.98
CA ASN A 207 6.48 23.00 -1.57
C ASN A 207 6.84 23.44 -2.99
N LYS A 208 7.29 22.51 -3.82
CA LYS A 208 7.62 22.86 -5.20
C LYS A 208 6.34 23.24 -5.91
N PRO A 209 6.43 24.12 -6.91
CA PRO A 209 5.25 24.54 -7.67
C PRO A 209 4.41 23.37 -8.18
N GLU A 210 5.08 22.33 -8.68
CA GLU A 210 4.39 21.15 -9.21
C GLU A 210 3.61 20.45 -8.09
N ASN A 211 4.17 20.46 -6.89
CA ASN A 211 3.53 19.85 -5.72
C ASN A 211 2.26 20.62 -5.35
N VAL A 212 2.37 21.94 -5.24
CA VAL A 212 1.25 22.79 -4.90
C VAL A 212 0.12 22.64 -5.93
N GLU A 213 0.48 22.57 -7.19
CA GLU A 213 -0.48 22.40 -8.28
C GLU A 213 -1.21 21.07 -8.12
N ALA A 214 -0.47 20.05 -7.72
CA ALA A 214 -1.04 18.71 -7.55
C ALA A 214 -2.03 18.68 -6.40
N LEU A 215 -1.65 19.30 -5.28
CA LEU A 215 -2.51 19.37 -4.11
C LEU A 215 -3.77 20.17 -4.43
N GLN A 216 -3.64 21.18 -5.29
CA GLN A 216 -4.78 22.00 -5.68
C GLN A 216 -5.78 21.14 -6.46
N PHE A 217 -5.28 20.24 -7.31
CA PHE A 217 -6.18 19.39 -8.08
C PHE A 217 -6.96 18.48 -7.13
N MET A 218 -6.28 17.95 -6.12
CA MET A 218 -6.92 17.08 -5.14
C MET A 218 -8.05 17.85 -4.46
N VAL A 219 -7.77 19.09 -4.04
CA VAL A 219 -8.77 19.92 -3.39
C VAL A 219 -9.96 20.14 -4.32
N ASP A 220 -9.69 20.37 -5.60
CA ASP A 220 -10.73 20.61 -6.57
C ASP A 220 -11.61 19.40 -6.83
N LEU A 221 -11.07 18.21 -6.68
CA LEU A 221 -11.87 17.00 -6.89
C LEU A 221 -13.04 16.99 -5.93
N ILE A 222 -12.81 17.54 -4.74
CA ILE A 222 -13.81 17.60 -3.70
C ILE A 222 -14.67 18.86 -3.75
N HIS A 223 -14.03 20.01 -3.80
CA HIS A 223 -14.73 21.30 -3.77
C HIS A 223 -15.06 21.99 -5.09
N LYS A 224 -14.39 21.63 -6.19
CA LYS A 224 -14.68 22.28 -7.48
C LYS A 224 -15.41 21.40 -8.48
N TYR A 225 -14.85 20.23 -8.76
CA TYR A 225 -15.48 19.31 -9.71
C TYR A 225 -16.57 18.49 -9.03
N LYS A 226 -16.46 18.38 -7.70
CA LYS A 226 -17.42 17.62 -6.91
C LYS A 226 -17.71 16.20 -7.40
N ILE A 227 -16.66 15.42 -7.64
CA ILE A 227 -16.82 14.03 -8.07
C ILE A 227 -16.34 13.12 -6.93
N SER A 228 -15.78 13.72 -5.88
CA SER A 228 -15.32 12.99 -4.70
C SER A 228 -16.11 13.54 -3.50
N PRO A 229 -16.66 12.66 -2.65
CA PRO A 229 -17.44 13.06 -1.47
C PRO A 229 -16.70 13.89 -0.41
N PRO A 230 -17.44 14.75 0.30
CA PRO A 230 -16.84 15.59 1.35
C PRO A 230 -16.16 14.78 2.44
N ASN A 231 -16.67 13.58 2.75
CA ASN A 231 -16.04 12.78 3.78
C ASN A 231 -14.73 12.14 3.31
N THR A 232 -14.29 12.52 2.11
CA THR A 232 -13.03 12.01 1.58
C THR A 232 -11.90 12.37 2.55
N TYR A 233 -11.94 13.60 3.07
CA TYR A 233 -10.92 14.08 4.00
C TYR A 233 -11.24 13.88 5.50
N THR A 234 -12.39 13.27 5.80
CA THR A 234 -12.74 13.04 7.21
C THR A 234 -12.82 11.56 7.59
N GLU A 235 -13.28 10.72 6.69
CA GLU A 235 -13.42 9.29 7.00
C GLU A 235 -12.82 8.29 6.01
N MET A 236 -12.65 8.69 4.77
CA MET A 236 -12.14 7.76 3.75
C MET A 236 -10.71 7.19 3.87
N THR A 237 -10.65 5.88 4.08
CA THR A 237 -9.40 5.13 4.16
C THR A 237 -9.60 3.93 3.23
N GLU A 238 -8.65 2.99 3.21
CA GLU A 238 -8.74 1.84 2.32
C GLU A 238 -10.08 1.11 2.25
N GLU A 239 -10.55 0.58 3.38
CA GLU A 239 -11.80 -0.16 3.37
C GLU A 239 -13.06 0.64 3.04
N PRO A 240 -13.25 1.81 3.69
CA PRO A 240 -14.45 2.59 3.37
C PRO A 240 -14.51 2.87 1.87
N VAL A 241 -13.36 3.17 1.26
CA VAL A 241 -13.31 3.45 -0.17
C VAL A 241 -13.65 2.19 -0.96
N ARG A 242 -13.02 1.09 -0.59
CA ARG A 242 -13.22 -0.18 -1.26
C ARG A 242 -14.70 -0.63 -1.18
N LEU A 243 -15.32 -0.44 -0.02
CA LEU A 243 -16.72 -0.81 0.19
C LEU A 243 -17.64 0.06 -0.64
N MET A 244 -17.41 1.37 -0.64
CA MET A 244 -18.22 2.31 -1.41
C MET A 244 -18.26 1.88 -2.89
N PHE A 245 -17.09 1.60 -3.46
CA PHE A 245 -17.02 1.18 -4.86
C PHE A 245 -17.70 -0.17 -5.10
N GLN A 246 -17.48 -1.12 -4.20
CA GLN A 246 -18.08 -2.45 -4.33
C GLN A 246 -19.60 -2.40 -4.23
N GLN A 247 -20.11 -1.44 -3.46
CA GLN A 247 -21.55 -1.25 -3.28
C GLN A 247 -22.17 -0.73 -4.57
N GLY A 248 -21.33 -0.23 -5.48
CA GLY A 248 -21.81 0.29 -6.74
C GLY A 248 -22.06 1.79 -6.70
N ASN A 249 -21.46 2.47 -5.74
CA ASN A 249 -21.64 3.92 -5.62
C ASN A 249 -20.49 4.78 -6.12
N ALA A 250 -19.69 4.26 -7.05
CA ALA A 250 -18.57 5.02 -7.59
C ALA A 250 -18.13 4.47 -8.94
N ALA A 251 -17.78 5.39 -9.84
CA ALA A 251 -17.33 5.02 -11.17
C ALA A 251 -15.86 4.67 -11.15
N PHE A 252 -15.10 5.42 -10.36
CA PHE A 252 -13.65 5.26 -10.23
C PHE A 252 -13.20 5.14 -8.77
N GLU A 253 -12.13 4.36 -8.57
CA GLU A 253 -11.58 4.16 -7.25
C GLU A 253 -10.05 4.02 -7.29
N ARG A 254 -9.38 4.69 -6.37
CA ARG A 254 -7.93 4.56 -6.29
C ARG A 254 -7.73 3.68 -5.08
N ASN A 255 -7.04 2.57 -5.25
CA ASN A 255 -6.78 1.69 -4.12
C ASN A 255 -5.62 0.75 -4.45
N TRP A 256 -5.27 -0.08 -3.48
CA TRP A 256 -4.18 -1.02 -3.64
C TRP A 256 -4.69 -2.32 -4.27
N PRO A 257 -3.77 -3.21 -4.68
CA PRO A 257 -4.14 -4.50 -5.29
C PRO A 257 -5.19 -5.34 -4.56
N TYR A 258 -5.19 -5.33 -3.23
CA TYR A 258 -6.16 -6.17 -2.48
C TYR A 258 -7.64 -5.91 -2.78
N ALA A 259 -7.98 -4.69 -3.20
CA ALA A 259 -9.37 -4.36 -3.51
C ALA A 259 -9.95 -5.28 -4.58
N TRP A 260 -9.11 -5.65 -5.55
CA TRP A 260 -9.50 -6.54 -6.63
C TRP A 260 -10.05 -7.86 -6.11
N GLY A 261 -9.33 -8.47 -5.17
CA GLY A 261 -9.77 -9.74 -4.61
C GLY A 261 -11.19 -9.67 -4.07
N LEU A 262 -11.51 -8.57 -3.41
CA LEU A 262 -12.84 -8.38 -2.86
C LEU A 262 -13.87 -8.01 -3.93
N HIS A 263 -13.53 -7.09 -4.81
CA HIS A 263 -14.44 -6.66 -5.88
C HIS A 263 -14.85 -7.82 -6.79
N ASN A 264 -13.98 -8.81 -6.92
CA ASN A 264 -14.25 -9.96 -7.76
C ASN A 264 -14.82 -11.15 -6.97
N ALA A 265 -15.24 -10.90 -5.74
CA ALA A 265 -15.82 -11.94 -4.88
C ALA A 265 -17.28 -12.15 -5.27
N ASP A 266 -17.73 -13.40 -5.31
CA ASP A 266 -19.10 -13.73 -5.68
C ASP A 266 -20.17 -12.97 -4.90
N ASP A 267 -19.77 -12.38 -3.77
CA ASP A 267 -20.69 -11.60 -2.94
C ASP A 267 -20.66 -10.14 -3.39
N SER A 268 -19.86 -9.87 -4.42
CA SER A 268 -19.69 -8.52 -4.95
C SER A 268 -20.64 -8.12 -6.08
N PRO A 269 -21.39 -7.03 -5.88
CA PRO A 269 -22.35 -6.51 -6.84
C PRO A 269 -21.65 -6.07 -8.14
N VAL A 270 -20.36 -5.75 -8.04
CA VAL A 270 -19.62 -5.30 -9.21
C VAL A 270 -18.76 -6.37 -9.88
N LYS A 271 -18.86 -7.62 -9.43
CA LYS A 271 -18.07 -8.70 -9.99
C LYS A 271 -18.20 -8.77 -11.51
N GLY A 272 -17.06 -8.89 -12.19
CA GLY A 272 -17.05 -8.98 -13.64
C GLY A 272 -17.27 -7.66 -14.35
N LYS A 273 -17.48 -6.59 -13.58
CA LYS A 273 -17.73 -5.26 -14.14
C LYS A 273 -16.66 -4.24 -13.72
N VAL A 274 -15.52 -4.74 -13.24
CA VAL A 274 -14.45 -3.85 -12.80
C VAL A 274 -13.21 -3.99 -13.66
N GLY A 275 -12.64 -2.86 -14.05
CA GLY A 275 -11.41 -2.86 -14.83
C GLY A 275 -10.34 -2.23 -13.96
N VAL A 276 -9.07 -2.52 -14.26
CA VAL A 276 -7.97 -1.96 -13.50
C VAL A 276 -7.02 -1.33 -14.51
N ALA A 277 -6.53 -0.15 -14.19
CA ALA A 277 -5.62 0.56 -15.07
C ALA A 277 -4.63 1.37 -14.25
N PRO A 278 -3.61 1.94 -14.91
CA PRO A 278 -2.64 2.73 -14.16
C PRO A 278 -3.40 3.99 -13.78
N LEU A 279 -2.98 4.65 -12.70
CA LEU A 279 -3.63 5.90 -12.31
C LEU A 279 -3.28 6.92 -13.40
N PRO A 280 -4.16 7.90 -13.65
CA PRO A 280 -3.90 8.91 -14.68
C PRO A 280 -2.69 9.77 -14.33
N HIS A 281 -2.30 10.62 -15.28
CA HIS A 281 -1.20 11.55 -15.08
C HIS A 281 -1.63 12.88 -15.65
N PHE A 282 -0.90 13.93 -15.30
CA PHE A 282 -1.22 15.23 -15.85
C PHE A 282 -0.46 15.27 -17.16
N PRO A 283 -1.00 15.99 -18.16
CA PRO A 283 -0.36 16.10 -19.48
C PRO A 283 1.15 16.40 -19.44
N GLY A 284 1.92 15.61 -20.19
CA GLY A 284 3.35 15.82 -20.25
C GLY A 284 4.15 15.13 -19.14
N HIS A 285 3.46 14.34 -18.32
CA HIS A 285 4.13 13.65 -17.23
C HIS A 285 3.69 12.19 -17.26
N LYS A 286 4.37 11.35 -16.49
CA LYS A 286 4.05 9.95 -16.47
C LYS A 286 3.20 9.55 -15.28
N SER A 287 2.42 8.51 -15.46
CA SER A 287 1.57 7.97 -14.42
C SER A 287 2.44 7.55 -13.21
N ALA A 288 1.91 7.76 -12.01
CA ALA A 288 2.63 7.41 -10.80
C ALA A 288 1.80 6.48 -9.92
N ALA A 289 2.49 5.64 -9.16
CA ALA A 289 1.84 4.72 -8.24
C ALA A 289 2.76 4.67 -7.03
N THR A 290 2.21 4.88 -5.85
CA THR A 290 3.04 4.86 -4.66
C THR A 290 3.43 3.43 -4.30
N LEU A 291 4.70 3.24 -3.93
CA LEU A 291 5.19 1.92 -3.53
C LEU A 291 4.70 1.63 -2.12
N GLY A 292 4.07 0.48 -1.95
CA GLY A 292 3.56 0.11 -0.64
C GLY A 292 3.81 -1.37 -0.47
N GLY A 293 3.16 -1.97 0.51
CA GLY A 293 3.36 -3.40 0.70
C GLY A 293 3.89 -3.74 2.06
N TRP A 294 3.87 -5.04 2.35
CA TRP A 294 4.31 -5.54 3.63
C TRP A 294 5.40 -6.58 3.53
N HIS A 295 6.36 -6.46 4.43
CA HIS A 295 7.50 -7.34 4.48
C HIS A 295 7.52 -8.13 5.78
N ILE A 296 8.02 -9.35 5.69
CA ILE A 296 8.07 -10.21 6.86
C ILE A 296 9.47 -10.24 7.49
N GLY A 297 9.49 -10.16 8.82
CA GLY A 297 10.75 -10.16 9.54
C GLY A 297 10.68 -10.93 10.85
N ILE A 298 11.85 -11.20 11.42
CA ILE A 298 11.94 -11.95 12.67
C ILE A 298 12.48 -11.07 13.79
N SER A 299 11.82 -11.15 14.95
CA SER A 299 12.23 -10.37 16.11
C SER A 299 13.59 -10.81 16.64
N LYS A 300 14.43 -9.82 16.94
CA LYS A 300 15.77 -10.09 17.50
C LYS A 300 15.63 -10.77 18.85
N TYR A 301 14.48 -10.57 19.49
CA TYR A 301 14.20 -11.10 20.81
C TYR A 301 13.49 -12.46 20.82
N SER A 302 13.29 -13.03 19.64
CA SER A 302 12.61 -14.32 19.54
C SER A 302 13.44 -15.46 20.14
N ASP A 303 12.77 -16.42 20.76
CA ASP A 303 13.44 -17.58 21.36
C ASP A 303 13.29 -18.76 20.43
N ASN A 304 12.57 -18.55 19.34
CA ASN A 304 12.35 -19.59 18.35
C ASN A 304 12.65 -19.04 16.95
N LYS A 305 13.84 -18.49 16.77
CA LYS A 305 14.21 -17.92 15.49
C LYS A 305 14.21 -18.91 14.34
N ALA A 306 14.64 -20.15 14.59
CA ALA A 306 14.68 -21.17 13.56
C ALA A 306 13.29 -21.50 13.03
N LEU A 307 12.32 -21.58 13.94
CA LEU A 307 10.94 -21.88 13.56
C LEU A 307 10.35 -20.69 12.79
N ALA A 308 10.69 -19.49 13.25
CA ALA A 308 10.23 -18.25 12.62
C ALA A 308 10.70 -18.20 11.17
N TRP A 309 11.95 -18.59 10.96
CA TRP A 309 12.52 -18.62 9.62
C TRP A 309 11.79 -19.64 8.74
N GLU A 310 11.38 -20.76 9.33
CA GLU A 310 10.66 -21.78 8.59
C GLU A 310 9.34 -21.21 8.12
N PHE A 311 8.72 -20.38 8.97
CA PHE A 311 7.45 -19.74 8.64
C PHE A 311 7.67 -18.68 7.56
N VAL A 312 8.79 -17.97 7.65
CA VAL A 312 9.12 -16.94 6.67
C VAL A 312 9.25 -17.59 5.29
N LYS A 313 9.97 -18.70 5.22
CA LYS A 313 10.15 -19.40 3.95
C LYS A 313 8.82 -19.88 3.38
N PHE A 314 7.91 -20.29 4.25
CA PHE A 314 6.60 -20.77 3.80
C PHE A 314 5.78 -19.63 3.20
N VAL A 315 5.77 -18.49 3.89
CA VAL A 315 5.04 -17.32 3.43
C VAL A 315 5.59 -16.80 2.11
N GLU A 316 6.89 -16.98 1.90
CA GLU A 316 7.53 -16.54 0.66
C GLU A 316 7.60 -17.62 -0.41
N SER A 317 7.05 -18.80 -0.11
CA SER A 317 7.08 -19.93 -1.04
C SER A 317 6.22 -19.71 -2.27
N TYR A 318 6.57 -20.36 -3.37
CA TYR A 318 5.83 -20.20 -4.62
C TYR A 318 4.32 -20.44 -4.48
N SER A 319 3.94 -21.57 -3.90
CA SER A 319 2.53 -21.92 -3.74
C SER A 319 1.74 -20.93 -2.89
N VAL A 320 2.32 -20.50 -1.78
CA VAL A 320 1.64 -19.58 -0.89
C VAL A 320 1.51 -18.22 -1.57
N GLN A 321 2.57 -17.79 -2.25
CA GLN A 321 2.58 -16.52 -2.97
C GLN A 321 1.56 -16.55 -4.10
N LYS A 322 1.45 -17.70 -4.76
CA LYS A 322 0.51 -17.91 -5.86
C LYS A 322 -0.91 -17.78 -5.32
N GLY A 323 -1.15 -18.30 -4.14
CA GLY A 323 -2.47 -18.20 -3.55
C GLY A 323 -2.81 -16.77 -3.19
N PHE A 324 -1.82 -15.99 -2.76
CA PHE A 324 -2.07 -14.58 -2.41
C PHE A 324 -2.52 -13.82 -3.65
N ALA A 325 -1.81 -14.04 -4.76
CA ALA A 325 -2.10 -13.36 -6.00
C ALA A 325 -3.45 -13.74 -6.60
N MET A 326 -3.79 -15.03 -6.55
CA MET A 326 -5.02 -15.53 -7.14
C MET A 326 -6.22 -15.23 -6.25
N ASN A 327 -6.10 -15.45 -4.97
CA ASN A 327 -7.20 -15.21 -4.03
C ASN A 327 -7.38 -13.79 -3.50
N LEU A 328 -6.28 -13.16 -3.09
CA LEU A 328 -6.37 -11.82 -2.53
C LEU A 328 -6.08 -10.71 -3.53
N GLY A 329 -5.49 -11.08 -4.66
CA GLY A 329 -5.18 -10.10 -5.69
C GLY A 329 -3.86 -9.39 -5.44
N TRP A 330 -3.14 -9.80 -4.40
CA TRP A 330 -1.86 -9.18 -4.08
C TRP A 330 -0.83 -9.37 -5.18
N ASN A 331 0.04 -8.37 -5.33
CA ASN A 331 1.14 -8.44 -6.28
C ASN A 331 2.27 -9.05 -5.45
N PRO A 332 2.64 -10.31 -5.73
CA PRO A 332 3.69 -11.05 -5.02
C PRO A 332 5.07 -10.43 -4.90
N GLY A 333 5.75 -10.77 -3.80
CA GLY A 333 7.11 -10.32 -3.57
C GLY A 333 8.04 -11.27 -4.30
N ARG A 334 7.52 -12.42 -4.71
CA ARG A 334 8.28 -13.43 -5.43
C ARG A 334 8.03 -13.29 -6.94
N VAL A 335 9.09 -13.26 -7.72
CA VAL A 335 8.97 -13.09 -9.17
C VAL A 335 8.28 -14.25 -9.88
N ASP A 336 7.83 -13.97 -11.11
CA ASP A 336 7.18 -14.93 -11.99
C ASP A 336 5.78 -15.39 -11.57
N VAL A 337 5.46 -15.34 -10.28
CA VAL A 337 4.13 -15.75 -9.84
C VAL A 337 3.01 -15.04 -10.63
N TYR A 338 3.19 -13.75 -10.91
CA TYR A 338 2.16 -12.98 -11.64
C TYR A 338 1.85 -13.60 -13.00
N ASP A 339 2.81 -14.37 -13.52
CA ASP A 339 2.69 -14.99 -14.84
C ASP A 339 2.08 -16.38 -14.84
N ASP A 340 1.84 -16.94 -13.65
CA ASP A 340 1.24 -18.26 -13.54
C ASP A 340 -0.15 -18.20 -14.17
N PRO A 341 -0.50 -19.20 -15.02
CA PRO A 341 -1.81 -19.23 -15.68
C PRO A 341 -3.00 -19.09 -14.71
N ALA A 342 -2.88 -19.67 -13.53
CA ALA A 342 -3.95 -19.59 -12.55
C ALA A 342 -4.07 -18.16 -12.04
N VAL A 343 -2.94 -17.47 -11.94
CA VAL A 343 -2.93 -16.10 -11.46
C VAL A 343 -3.43 -15.16 -12.56
N VAL A 344 -3.01 -15.37 -13.79
CA VAL A 344 -3.48 -14.51 -14.86
C VAL A 344 -4.99 -14.67 -15.05
N SER A 345 -5.51 -15.87 -14.77
CA SER A 345 -6.94 -16.11 -14.91
C SER A 345 -7.77 -15.25 -13.96
N LYS A 346 -7.32 -15.12 -12.73
CA LYS A 346 -8.06 -14.34 -11.72
C LYS A 346 -7.61 -12.89 -11.52
N SER A 347 -6.33 -12.64 -11.75
CA SER A 347 -5.76 -11.30 -11.57
C SER A 347 -4.88 -10.91 -12.76
N PRO A 348 -5.47 -10.84 -13.95
CA PRO A 348 -4.73 -10.50 -15.18
C PRO A 348 -3.93 -9.20 -15.17
N HIS A 349 -4.37 -8.23 -14.38
CA HIS A 349 -3.67 -6.94 -14.33
C HIS A 349 -2.29 -7.01 -13.69
N LEU A 350 -2.01 -8.06 -12.93
CA LEU A 350 -0.70 -8.19 -12.32
C LEU A 350 0.33 -8.34 -13.45
N LYS A 351 -0.07 -9.01 -14.53
CA LYS A 351 0.80 -9.18 -15.70
C LYS A 351 0.69 -7.96 -16.62
N GLU A 352 -0.53 -7.59 -16.96
CA GLU A 352 -0.76 -6.46 -17.84
C GLU A 352 -0.21 -5.11 -17.36
N LEU A 353 -0.29 -4.86 -16.06
CA LEU A 353 0.18 -3.60 -15.49
C LEU A 353 1.51 -3.78 -14.76
N ARG A 354 2.34 -4.67 -15.30
CA ARG A 354 3.66 -4.96 -14.74
C ARG A 354 4.47 -3.69 -14.50
N ALA A 355 4.43 -2.78 -15.48
CA ALA A 355 5.15 -1.51 -15.40
C ALA A 355 4.74 -0.66 -14.21
N VAL A 356 3.48 -0.73 -13.85
CA VAL A 356 2.95 0.04 -12.72
C VAL A 356 3.69 -0.35 -11.44
N PHE A 357 3.80 -1.65 -11.20
CA PHE A 357 4.44 -2.15 -10.01
C PHE A 357 5.96 -1.95 -10.01
N GLU A 358 6.60 -2.22 -11.14
CA GLU A 358 8.04 -2.08 -11.23
C GLU A 358 8.54 -0.65 -11.11
N ASN A 359 7.66 0.32 -11.39
CA ASN A 359 8.05 1.72 -11.31
C ASN A 359 7.41 2.51 -10.16
N ALA A 360 6.87 1.79 -9.17
CA ALA A 360 6.23 2.43 -8.02
C ALA A 360 7.19 3.42 -7.35
N VAL A 361 6.68 4.61 -7.03
CA VAL A 361 7.49 5.65 -6.39
C VAL A 361 7.54 5.45 -4.87
N PRO A 362 8.75 5.40 -4.30
CA PRO A 362 8.88 5.21 -2.85
C PRO A 362 8.70 6.51 -2.07
N ARG A 363 8.08 6.41 -0.90
CA ARG A 363 7.93 7.56 -0.03
C ARG A 363 9.37 7.72 0.48
N PRO A 364 9.74 8.88 1.05
CA PRO A 364 11.11 9.03 1.55
C PRO A 364 11.55 7.86 2.44
N ILE A 365 12.57 7.12 2.02
CA ILE A 365 13.06 5.98 2.78
C ILE A 365 14.05 6.47 3.83
N VAL A 366 13.53 6.85 4.98
CA VAL A 366 14.36 7.36 6.04
C VAL A 366 13.86 6.86 7.40
N PRO A 367 14.77 6.58 8.34
CA PRO A 367 14.43 6.08 9.68
C PRO A 367 13.36 6.86 10.45
N TYR A 368 13.23 8.15 10.15
CA TYR A 368 12.24 9.01 10.82
C TYR A 368 11.02 9.33 9.97
N TYR A 369 10.67 8.43 9.06
CA TYR A 369 9.51 8.66 8.20
C TYR A 369 8.24 8.91 9.00
N PRO A 370 7.94 8.06 10.00
CA PRO A 370 6.72 8.27 10.79
C PRO A 370 6.48 9.73 11.16
N GLN A 371 7.52 10.39 11.66
CA GLN A 371 7.41 11.79 12.05
C GLN A 371 7.25 12.75 10.87
N LEU A 372 7.85 12.38 9.73
CA LEU A 372 7.77 13.20 8.52
C LEU A 372 6.36 13.12 7.94
N SER A 373 5.85 11.89 7.91
CA SER A 373 4.53 11.61 7.39
C SER A 373 3.46 12.39 8.17
N GLU A 374 3.60 12.42 9.48
CA GLU A 374 2.66 13.12 10.33
C GLU A 374 2.53 14.59 9.89
N ILE A 375 3.65 15.17 9.49
CA ILE A 375 3.67 16.56 9.04
C ILE A 375 2.92 16.72 7.74
N ILE A 376 3.17 15.81 6.80
CA ILE A 376 2.51 15.87 5.49
C ILE A 376 1.01 15.64 5.62
N GLN A 377 0.63 14.68 6.45
CA GLN A 377 -0.79 14.37 6.66
C GLN A 377 -1.56 15.59 7.12
N LYS A 378 -1.09 16.23 8.19
CA LYS A 378 -1.76 17.41 8.75
C LYS A 378 -2.03 18.51 7.74
N TYR A 379 -1.00 18.96 7.05
CA TYR A 379 -1.18 20.05 6.10
C TYR A 379 -1.93 19.66 4.85
N VAL A 380 -1.68 18.48 4.33
CA VAL A 380 -2.40 18.07 3.13
C VAL A 380 -3.88 17.90 3.45
N ASN A 381 -4.19 17.26 4.58
CA ASN A 381 -5.58 17.07 4.95
C ASN A 381 -6.26 18.42 5.21
N SER A 382 -5.53 19.32 5.87
CA SER A 382 -6.06 20.63 6.17
C SER A 382 -6.43 21.35 4.87
N ALA A 383 -5.63 21.16 3.83
CA ALA A 383 -5.88 21.79 2.54
C ALA A 383 -7.09 21.16 1.86
N LEU A 384 -7.24 19.85 2.02
CA LEU A 384 -8.37 19.13 1.41
C LEU A 384 -9.66 19.59 2.07
N ALA A 385 -9.58 19.93 3.35
CA ALA A 385 -10.75 20.38 4.11
C ALA A 385 -11.09 21.82 3.73
N GLY A 386 -10.13 22.52 3.13
CA GLY A 386 -10.36 23.89 2.72
C GLY A 386 -10.00 24.86 3.83
N LYS A 387 -9.29 24.37 4.84
CA LYS A 387 -8.87 25.19 5.99
C LYS A 387 -7.73 26.12 5.66
N ILE A 388 -6.90 25.73 4.70
CA ILE A 388 -5.79 26.56 4.25
C ILE A 388 -5.55 26.25 2.78
N SER A 389 -4.83 27.13 2.08
CA SER A 389 -4.57 26.92 0.67
C SER A 389 -3.46 25.89 0.45
N PRO A 390 -3.41 25.29 -0.74
CA PRO A 390 -2.37 24.30 -1.03
C PRO A 390 -0.98 24.90 -0.79
N GLN A 391 -0.79 26.14 -1.25
CA GLN A 391 0.48 26.84 -1.10
C GLN A 391 0.89 27.00 0.35
N GLU A 392 -0.01 27.55 1.16
CA GLU A 392 0.28 27.76 2.56
C GLU A 392 0.56 26.42 3.26
N ALA A 393 -0.15 25.38 2.85
CA ALA A 393 0.01 24.05 3.44
C ALA A 393 1.38 23.45 3.21
N LEU A 394 1.82 23.45 1.96
CA LEU A 394 3.11 22.89 1.61
C LEU A 394 4.29 23.73 2.10
N ASP A 395 4.07 25.04 2.25
CA ASP A 395 5.14 25.91 2.73
C ASP A 395 5.33 25.65 4.22
N LYS A 396 4.21 25.47 4.91
CA LYS A 396 4.25 25.19 6.34
C LYS A 396 4.88 23.82 6.57
N ALA A 397 4.47 22.85 5.76
CA ALA A 397 5.00 21.50 5.88
C ALA A 397 6.51 21.53 5.62
N GLN A 398 6.90 22.32 4.63
CA GLN A 398 8.30 22.47 4.25
C GLN A 398 9.12 22.91 5.46
N LYS A 399 8.62 23.91 6.18
CA LYS A 399 9.33 24.41 7.36
C LYS A 399 9.58 23.31 8.40
N GLU A 400 8.52 22.61 8.80
CA GLU A 400 8.66 21.55 9.80
C GLU A 400 9.51 20.40 9.34
N ALA A 401 9.43 20.07 8.05
CA ALA A 401 10.21 18.96 7.50
C ALA A 401 11.69 19.28 7.67
N GLU A 402 12.06 20.51 7.35
CA GLU A 402 13.45 20.96 7.47
C GLU A 402 13.94 20.83 8.91
N GLU A 403 13.10 21.25 9.85
CA GLU A 403 13.41 21.17 11.27
C GLU A 403 13.60 19.70 11.64
N LEU A 404 12.68 18.85 11.17
CA LEU A 404 12.76 17.42 11.47
C LEU A 404 14.03 16.80 10.91
N VAL A 405 14.35 17.11 9.65
CA VAL A 405 15.55 16.56 9.01
C VAL A 405 16.80 17.01 9.75
N LYS A 406 16.72 18.16 10.42
CA LYS A 406 17.84 18.70 11.20
C LYS A 406 18.08 17.80 12.41
N GLN A 407 17.36 16.70 12.46
CA GLN A 407 17.47 15.73 13.54
C GLN A 407 17.05 16.36 14.86
#